data_3QWM
#
_entry.id   3QWM
#
_cell.length_a   56.730
_cell.length_b   56.730
_cell.length_c   234.080
_cell.angle_alpha   90.00
_cell.angle_beta   90.00
_cell.angle_gamma   120.00
#
_symmetry.space_group_name_H-M   'P 65 2 2'
#
loop_
_entity.id
_entity.type
_entity.pdbx_description
1 polymer 'IQ motif and SEC7 domain-containing protein 1'
2 water water
#
_entity_poly.entity_id   1
_entity_poly.type   'polypeptide(L)'
_entity_poly.pdbx_seq_one_letter_code
;SMGCVLSLPHRRLVCYCRLFEVPDPNKPQKLGLHQREIFLFNDLLVVTKIFQKKKNSVTYSFRQSFSLYGMQVLLFENQY
YPNGIRLTSSVPGADIKVLINFNAPNPQDRKKFTDDLRESIAEVQEMEKHRIESELEKQK
;
_entity_poly.pdbx_strand_id   A
#
# COMPACT_ATOMS: atom_id res chain seq x y z
N HIS A 10 -17.20 -6.78 8.02
CA HIS A 10 -17.71 -6.03 6.82
C HIS A 10 -16.57 -5.24 6.14
N ARG A 11 -15.88 -5.92 5.23
CA ARG A 11 -14.83 -5.32 4.39
C ARG A 11 -15.40 -4.70 3.10
N ARG A 12 -14.71 -3.70 2.55
CA ARG A 12 -15.18 -2.97 1.38
C ARG A 12 -14.01 -2.56 0.48
N LEU A 13 -14.09 -2.87 -0.82
CA LEU A 13 -13.03 -2.50 -1.76
C LEU A 13 -13.07 -1.03 -2.06
N VAL A 14 -11.97 -0.33 -1.79
CA VAL A 14 -11.89 1.11 -2.05
C VAL A 14 -11.34 1.43 -3.44
N CYS A 15 -10.38 0.64 -3.90
CA CYS A 15 -9.65 0.92 -5.14
C CYS A 15 -8.99 -0.36 -5.63
N TYR A 16 -9.23 -0.70 -6.89
CA TYR A 16 -8.46 -1.72 -7.58
C TYR A 16 -7.61 -1.00 -8.61
N CYS A 17 -6.32 -1.30 -8.65
CA CYS A 17 -5.49 -0.79 -9.74
C CYS A 17 -4.26 -1.65 -9.92
N ARG A 18 -3.37 -1.22 -10.80
CA ARG A 18 -2.16 -1.96 -11.10
C ARG A 18 -0.98 -1.07 -10.92
N LEU A 19 0.06 -1.61 -10.31
CA LEU A 19 1.28 -0.85 -10.07
C LEU A 19 2.48 -1.77 -10.31
N PHE A 20 3.60 -1.19 -10.69
CA PHE A 20 4.81 -1.99 -10.74
C PHE A 20 5.48 -1.89 -9.39
N GLU A 21 5.86 -3.02 -8.84
CA GLU A 21 6.70 -3.06 -7.68
C GLU A 21 8.11 -2.64 -8.09
N VAL A 22 8.80 -1.93 -7.19
CA VAL A 22 10.16 -1.46 -7.41
C VAL A 22 11.04 -1.87 -6.20
N PRO A 23 11.77 -3.00 -6.29
CA PRO A 23 12.60 -3.38 -5.14
C PRO A 23 13.76 -2.43 -4.82
N ASP A 24 14.18 -1.61 -5.77
CA ASP A 24 15.27 -0.67 -5.52
C ASP A 24 15.09 0.59 -6.35
N PRO A 25 14.51 1.63 -5.74
CA PRO A 25 14.19 2.87 -6.48
C PRO A 25 15.42 3.65 -7.01
N ASN A 26 16.62 3.20 -6.70
CA ASN A 26 17.86 3.80 -7.21
C ASN A 26 18.39 3.13 -8.50
N LYS A 27 17.86 1.96 -8.84
CA LYS A 27 18.34 1.18 -9.98
C LYS A 27 17.27 1.10 -11.05
N PRO A 28 17.67 1.15 -12.33
CA PRO A 28 16.68 0.98 -13.40
C PRO A 28 16.24 -0.49 -13.51
N GLN A 29 15.03 -0.70 -14.01
CA GLN A 29 14.53 -2.06 -14.30
C GLN A 29 13.63 -2.06 -15.55
N LYS A 30 13.52 -3.22 -16.22
CA LYS A 30 12.78 -3.31 -17.48
C LYS A 30 11.36 -2.79 -17.30
N LEU A 31 10.85 -2.06 -18.30
CA LEU A 31 9.44 -1.63 -18.28
C LEU A 31 8.52 -2.85 -18.10
N GLY A 32 7.46 -2.68 -17.31
CA GLY A 32 6.45 -3.74 -17.10
C GLY A 32 6.82 -4.86 -16.14
N LEU A 33 8.03 -4.79 -15.56
CA LEU A 33 8.50 -5.80 -14.62
C LEU A 33 7.85 -5.63 -13.24
N HIS A 34 7.65 -6.76 -12.58
CA HIS A 34 7.01 -6.83 -11.27
C HIS A 34 5.65 -6.14 -11.25
N GLN A 35 4.83 -6.32 -12.30
CA GLN A 35 3.46 -5.80 -12.24
C GLN A 35 2.69 -6.46 -11.12
N ARG A 36 1.82 -5.70 -10.48
CA ARG A 36 1.01 -6.23 -9.40
C ARG A 36 -0.45 -5.84 -9.56
N GLU A 37 -1.33 -6.74 -9.14
CA GLU A 37 -2.72 -6.40 -8.89
C GLU A 37 -2.71 -5.78 -7.51
N ILE A 38 -3.29 -4.58 -7.39
CA ILE A 38 -3.37 -3.91 -6.09
C ILE A 38 -4.81 -3.83 -5.65
N PHE A 39 -5.13 -4.40 -4.49
CA PHE A 39 -6.44 -4.26 -3.90
C PHE A 39 -6.40 -3.45 -2.61
N LEU A 40 -6.94 -2.24 -2.64
CA LEU A 40 -7.07 -1.42 -1.44
C LEU A 40 -8.46 -1.58 -0.86
N PHE A 41 -8.51 -2.20 0.32
CA PHE A 41 -9.75 -2.26 1.09
C PHE A 41 -9.77 -1.15 2.13
N ASN A 42 -10.90 -1.04 2.83
CA ASN A 42 -11.07 0.00 3.84
C ASN A 42 -10.16 -0.21 5.06
N ASP A 43 -9.74 -1.45 5.28
CA ASP A 43 -8.93 -1.84 6.42
C ASP A 43 -7.75 -2.78 6.05
N LEU A 44 -7.34 -2.77 4.78
CA LEU A 44 -6.22 -3.62 4.33
C LEU A 44 -5.72 -3.26 2.92
N LEU A 45 -4.44 -3.50 2.68
CA LEU A 45 -3.86 -3.39 1.35
C LEU A 45 -3.25 -4.72 0.97
N VAL A 46 -3.67 -5.21 -0.19
CA VAL A 46 -3.25 -6.52 -0.67
C VAL A 46 -2.57 -6.36 -2.02
N VAL A 47 -1.44 -7.02 -2.16
CA VAL A 47 -0.64 -6.95 -3.37
C VAL A 47 -0.41 -8.37 -3.84
N THR A 48 -0.60 -8.62 -5.12
CA THR A 48 -0.38 -9.97 -5.63
C THR A 48 0.03 -9.93 -7.10
N LYS A 49 0.58 -11.06 -7.56
CA LYS A 49 0.94 -11.26 -8.97
C LYS A 49 -0.26 -11.02 -9.89
N ILE A 50 0.02 -10.51 -11.09
CA ILE A 50 -1.00 -10.36 -12.13
C ILE A 50 -1.78 -11.67 -12.38
N PHE A 51 -2.87 -11.58 -13.13
CA PHE A 51 -3.77 -12.72 -13.35
C PHE A 51 -3.70 -13.29 -14.79
N GLN A 52 -3.48 -14.60 -14.91
CA GLN A 52 -3.44 -15.27 -16.22
C GLN A 52 -4.83 -15.38 -16.87
N ASN A 56 -7.39 -20.09 -17.71
CA ASN A 56 -7.75 -20.52 -16.36
C ASN A 56 -6.82 -21.60 -15.76
N SER A 57 -6.92 -21.76 -14.44
CA SER A 57 -6.10 -22.69 -13.68
C SER A 57 -6.39 -22.57 -12.18
N VAL A 58 -5.90 -23.56 -11.43
CA VAL A 58 -5.86 -23.52 -9.98
C VAL A 58 -4.39 -23.47 -9.58
N THR A 59 -3.93 -22.31 -9.10
CA THR A 59 -2.51 -22.09 -8.78
C THR A 59 -2.31 -21.64 -7.33
N TYR A 60 -1.09 -21.82 -6.82
CA TYR A 60 -0.70 -21.26 -5.52
C TYR A 60 0.15 -20.03 -5.73
N SER A 61 -0.44 -18.86 -5.52
CA SER A 61 0.22 -17.57 -5.81
C SER A 61 0.53 -16.76 -4.57
N PHE A 62 1.47 -15.85 -4.76
CA PHE A 62 2.10 -15.08 -3.69
C PHE A 62 1.17 -13.90 -3.31
N ARG A 63 1.13 -13.52 -2.03
CA ARG A 63 0.16 -12.56 -1.52
C ARG A 63 0.75 -11.70 -0.39
N GLN A 64 1.09 -10.44 -0.68
CA GLN A 64 1.50 -9.52 0.38
C GLN A 64 0.30 -8.73 0.85
N SER A 65 -0.04 -8.88 2.11
CA SER A 65 -1.06 -8.06 2.76
C SER A 65 -0.38 -7.11 3.76
N PHE A 66 -0.86 -5.87 3.83
CA PHE A 66 -0.33 -4.88 4.75
C PHE A 66 -1.44 -4.24 5.58
N SER A 67 -1.23 -4.19 6.89
CA SER A 67 -2.13 -3.45 7.77
C SER A 67 -1.98 -2.01 7.43
N LEU A 68 -3.06 -1.27 7.54
CA LEU A 68 -3.05 0.17 7.32
C LEU A 68 -2.66 0.95 8.60
N TYR A 69 -2.63 0.28 9.75
CA TYR A 69 -2.28 0.97 10.99
C TYR A 69 -0.82 1.37 11.01
N GLY A 70 -0.56 2.68 11.01
CA GLY A 70 0.79 3.22 11.03
C GLY A 70 1.44 3.34 9.68
N MET A 71 0.68 3.15 8.60
CA MET A 71 1.28 3.21 7.29
C MET A 71 1.39 4.66 6.84
N GLN A 72 2.52 5.00 6.23
CA GLN A 72 2.74 6.33 5.67
C GLN A 72 3.13 6.20 4.21
N VAL A 73 2.63 7.16 3.45
CA VAL A 73 2.80 7.23 2.02
C VAL A 73 3.76 8.37 1.68
N LEU A 74 4.86 8.07 0.98
CA LEU A 74 5.77 9.08 0.45
C LEU A 74 5.78 9.05 -1.09
N LEU A 75 5.37 10.16 -1.71
CA LEU A 75 5.44 10.30 -3.17
C LEU A 75 6.85 10.68 -3.59
N PHE A 76 7.35 10.05 -4.65
CA PHE A 76 8.69 10.37 -5.12
C PHE A 76 8.81 10.23 -6.63
N GLU A 77 9.81 10.89 -7.19
CA GLU A 77 10.07 10.88 -8.61
C GLU A 77 11.56 10.88 -8.79
N ASN A 78 12.06 10.01 -9.65
CA ASN A 78 13.41 10.14 -10.12
C ASN A 78 13.44 9.76 -11.62
N GLN A 79 14.64 9.70 -12.19
CA GLN A 79 14.77 9.48 -13.63
C GLN A 79 14.30 8.10 -14.06
N TYR A 80 14.34 7.15 -13.14
CA TYR A 80 13.98 5.75 -13.45
C TYR A 80 12.56 5.38 -13.07
N TYR A 81 11.96 6.15 -12.18
CA TYR A 81 10.65 5.88 -11.63
C TYR A 81 9.97 7.23 -11.44
N PRO A 82 9.25 7.68 -12.46
CA PRO A 82 8.68 9.01 -12.44
C PRO A 82 7.33 9.10 -11.71
N ASN A 83 6.84 8.02 -11.14
CA ASN A 83 5.55 8.04 -10.43
C ASN A 83 5.62 7.19 -9.15
N GLY A 84 6.67 7.45 -8.39
CA GLY A 84 7.00 6.67 -7.21
C GLY A 84 5.97 6.77 -6.10
N ILE A 85 5.84 5.68 -5.36
CA ILE A 85 5.10 5.63 -4.13
C ILE A 85 5.93 4.76 -3.20
N ARG A 86 6.36 5.31 -2.07
CA ARG A 86 7.03 4.54 -1.03
C ARG A 86 6.09 4.40 0.16
N LEU A 87 5.90 3.16 0.64
CA LEU A 87 5.08 2.88 1.80
C LEU A 87 5.96 2.41 2.95
N THR A 88 5.76 3.01 4.12
CA THR A 88 6.50 2.66 5.32
C THR A 88 5.52 2.42 6.47
N SER A 89 5.97 1.66 7.46
CA SER A 89 5.28 1.42 8.73
C SER A 89 5.99 2.16 9.85
N SER A 90 5.27 3.12 10.46
CA SER A 90 5.78 3.92 11.58
C SER A 90 4.85 3.84 12.76
N VAL A 91 5.20 3.02 13.76
CA VAL A 91 4.51 3.01 15.06
C VAL A 91 5.40 3.40 16.27
N PRO A 92 4.78 3.96 17.33
CA PRO A 92 5.47 4.31 18.59
C PRO A 92 6.47 3.24 19.07
N GLY A 93 7.68 3.64 19.41
CA GLY A 93 8.65 2.71 19.97
C GLY A 93 9.38 1.78 19.01
N ALA A 94 9.04 1.82 17.72
CA ALA A 94 9.66 0.92 16.74
C ALA A 94 10.47 1.72 15.74
N ASP A 95 11.45 1.07 15.13
CA ASP A 95 12.11 1.63 13.97
C ASP A 95 11.08 1.65 12.85
N ILE A 96 11.16 2.68 12.01
CA ILE A 96 10.36 2.79 10.81
C ILE A 96 10.84 1.69 9.84
N LYS A 97 9.88 0.97 9.24
CA LYS A 97 10.16 -0.09 8.26
C LYS A 97 9.70 0.39 6.90
N VAL A 98 10.46 0.06 5.86
CA VAL A 98 10.04 0.30 4.50
C VAL A 98 9.28 -0.97 4.12
N LEU A 99 8.04 -0.79 3.71
CA LEU A 99 7.18 -1.94 3.42
C LEU A 99 7.33 -2.36 1.97
N ILE A 100 7.26 -1.38 1.08
CA ILE A 100 7.25 -1.63 -0.36
C ILE A 100 7.30 -0.30 -1.11
N ASN A 101 7.97 -0.32 -2.25
CA ASN A 101 7.97 0.77 -3.23
C ASN A 101 7.27 0.33 -4.53
N PHE A 102 6.52 1.26 -5.12
CA PHE A 102 5.80 1.07 -6.35
C PHE A 102 6.17 2.16 -7.35
N ASN A 103 5.77 1.96 -8.60
CA ASN A 103 5.72 3.01 -9.60
C ASN A 103 4.38 2.88 -10.34
N ALA A 104 3.67 3.99 -10.48
CA ALA A 104 2.35 3.98 -11.09
C ALA A 104 2.53 4.15 -12.58
N PRO A 105 1.58 3.63 -13.38
CA PRO A 105 1.69 3.89 -14.83
C PRO A 105 1.70 5.40 -15.12
N ASN A 106 0.71 6.13 -14.62
CA ASN A 106 0.64 7.59 -14.77
C ASN A 106 0.26 8.31 -13.45
N PRO A 107 0.57 9.61 -13.35
CA PRO A 107 0.26 10.39 -12.14
C PRO A 107 -1.23 10.45 -11.74
N GLN A 108 -2.13 10.29 -12.71
CA GLN A 108 -3.57 10.29 -12.42
C GLN A 108 -3.84 9.12 -11.49
N ASP A 109 -3.33 7.96 -11.88
CA ASP A 109 -3.42 6.73 -11.09
C ASP A 109 -2.72 6.89 -9.74
N ARG A 110 -1.56 7.56 -9.74
CA ARG A 110 -0.81 7.76 -8.51
C ARG A 110 -1.63 8.59 -7.50
N LYS A 111 -1.94 9.82 -7.89
CA LYS A 111 -2.86 10.72 -7.17
C LYS A 111 -4.06 9.99 -6.61
N LYS A 112 -4.78 9.30 -7.49
CA LYS A 112 -6.03 8.64 -7.12
C LYS A 112 -5.80 7.62 -6.01
N PHE A 113 -4.87 6.70 -6.25
CA PHE A 113 -4.64 5.57 -5.36
C PHE A 113 -4.17 6.04 -3.99
N THR A 114 -3.14 6.88 -4.00
CA THR A 114 -2.57 7.38 -2.78
C THR A 114 -3.60 8.22 -2.00
N ASP A 115 -4.44 8.97 -2.70
CA ASP A 115 -5.54 9.71 -2.04
C ASP A 115 -6.51 8.75 -1.36
N ASP A 116 -6.88 7.65 -2.03
CA ASP A 116 -7.77 6.66 -1.41
C ASP A 116 -7.08 5.99 -0.24
N LEU A 117 -5.77 5.77 -0.39
CA LEU A 117 -5.02 5.06 0.62
C LEU A 117 -4.98 5.87 1.92
N ARG A 118 -4.64 7.15 1.83
CA ARG A 118 -4.52 8.03 3.01
C ARG A 118 -5.82 8.07 3.79
N GLU A 119 -6.89 8.31 3.06
CA GLU A 119 -8.24 8.32 3.58
C GLU A 119 -8.52 7.04 4.38
N SER A 120 -8.14 5.90 3.81
CA SER A 120 -8.38 4.62 4.47
C SER A 120 -7.44 4.42 5.65
N ILE A 121 -6.21 4.94 5.55
CA ILE A 121 -5.32 4.92 6.68
C ILE A 121 -5.96 5.72 7.82
N ALA A 122 -6.50 6.91 7.50
CA ALA A 122 -7.11 7.77 8.53
C ALA A 122 -8.28 7.07 9.18
N GLU A 123 -9.10 6.38 8.38
CA GLU A 123 -10.20 5.61 8.92
C GLU A 123 -9.73 4.55 9.91
N VAL A 124 -8.66 3.82 9.56
CA VAL A 124 -8.15 2.77 10.44
C VAL A 124 -7.55 3.40 11.71
N GLN A 125 -6.79 4.49 11.56
CA GLN A 125 -6.22 5.16 12.74
C GLN A 125 -7.34 5.49 13.73
N GLU A 126 -8.40 6.15 13.27
CA GLU A 126 -9.52 6.55 14.16
C GLU A 126 -10.28 5.36 14.76
N MET A 127 -10.46 4.28 14.03
CA MET A 127 -11.13 3.10 14.58
C MET A 127 -10.24 2.48 15.68
N GLU A 128 -8.94 2.41 15.42
CA GLU A 128 -7.99 1.85 16.38
C GLU A 128 -7.83 2.73 17.63
N LYS A 129 -7.78 4.04 17.41
CA LYS A 129 -7.80 5.02 18.50
C LYS A 129 -8.98 4.72 19.43
N HIS A 130 -10.18 4.68 18.87
CA HIS A 130 -11.40 4.44 19.64
C HIS A 130 -11.32 3.10 20.38
N ARG A 131 -10.73 2.09 19.75
CA ARG A 131 -10.59 0.79 20.38
C ARG A 131 -9.63 0.88 21.57
N ILE A 132 -8.46 1.49 21.37
CA ILE A 132 -7.45 1.62 22.42
C ILE A 132 -8.00 2.38 23.63
N GLU A 133 -8.63 3.52 23.36
CA GLU A 133 -9.19 4.39 24.40
C GLU A 133 -10.33 3.72 25.14
N SER A 134 -11.03 2.84 24.43
CA SER A 134 -12.17 2.12 24.98
C SER A 134 -11.69 1.05 25.96
N GLU A 135 -10.63 0.33 25.59
CA GLU A 135 -9.99 -0.67 26.46
C GLU A 135 -9.54 -0.06 27.79
N LEU A 136 -8.87 1.08 27.70
CA LEU A 136 -8.38 1.77 28.88
C LEU A 136 -9.51 2.17 29.84
N GLU A 137 -10.66 2.53 29.28
CA GLU A 137 -11.82 2.94 30.07
C GLU A 137 -12.45 1.77 30.82
N LYS A 138 -12.29 0.56 30.29
CA LYS A 138 -12.68 -0.67 30.97
C LYS A 138 -11.89 -0.85 32.27
N GLN A 139 -10.56 -0.72 32.18
CA GLN A 139 -9.66 -0.83 33.32
C GLN A 139 -9.70 0.43 34.22
#